data_6XOM
#
_entry.id   6XOM
#
_cell.length_a   33.721
_cell.length_b   86.698
_cell.length_c   126.082
_cell.angle_alpha   90.000
_cell.angle_beta   90.000
_cell.angle_gamma   90.000
#
_symmetry.space_group_name_H-M   'P 21 21 21'
#
loop_
_entity.id
_entity.type
_entity.pdbx_description
1 polymer 'Lysozyme, DCN1-like protein 1 chimera'
2 non-polymer 1,2-ETHANEDIOL
3 non-polymer (2R)-N-[(2S)-2-cyclohexyl-2-({N-propanoyl-3-[6-(propan-2-yl)-1,3-benzothiazol-2-yl]-L-alanyl}amino)ethyl]-2-methyl-4-(morpholin-4-yl)butanamide
4 water water
#
_entity_poly.entity_id   1
_entity_poly.type   'polypeptide(L)'
_entity_poly.pdbx_seq_one_letter_code
;MHHHHHHSSGVDLGTENLYFQSNAMNIFEMLRIDEGLRLKIYKDTEGYYTIGIGHLLTKSPSLNAAKSELDKAIGRNTNG
VITKDEAEKLFNQDVDAAVRGILRNAKLKPVYDSLDAVRRAALINMVFQMGETGVAGFTNSLRMLQQKRWAEAAVNLAKS
RWYNQTPNRTKRVITTFATGTWDAYKNLRKKLEQLYNRYKDPQDENKIGIDGIQQFCDDLALDPASISVLIIAWKFRAAT
QCEFSKQEFMDGMTELGCDSIEKLKAQIPKMEQELKEPGRFKDFYQFTFNFAKNPGQKGLDLEMAIAYWNLVLNGRFKFL
DLWNKFLLEHHKRSIPKDTWNLLLDFSTMIADDMSNYDEEGAWPVLIDDFVEFARPQIAGTKSTTV
;
_entity_poly.pdbx_strand_id   A
#
# COMPACT_ATOMS: atom_id res chain seq x y z
N LEU A 18 32.74 7.03 -4.59
CA LEU A 18 31.42 7.14 -3.96
C LEU A 18 31.33 6.39 -2.62
N TYR A 19 32.07 5.27 -2.49
CA TYR A 19 32.11 4.41 -1.32
C TYR A 19 32.66 5.09 -0.03
N PHE A 20 33.38 6.23 -0.19
CA PHE A 20 34.00 7.03 0.87
C PHE A 20 33.05 7.99 1.61
N GLN A 21 31.82 8.22 1.06
CA GLN A 21 30.81 9.15 1.55
C GLN A 21 30.56 9.12 3.08
N ASN A 26 22.03 2.56 7.05
CA ASN A 26 20.93 2.83 7.99
C ASN A 26 19.83 3.73 7.39
N ILE A 27 20.23 4.65 6.49
CA ILE A 27 19.37 5.61 5.80
C ILE A 27 18.35 4.92 4.87
N PHE A 28 18.74 3.83 4.21
CA PHE A 28 17.87 3.06 3.32
C PHE A 28 16.72 2.43 4.11
N GLU A 29 17.03 1.90 5.30
CA GLU A 29 16.02 1.29 6.17
C GLU A 29 15.12 2.34 6.78
N MET A 30 15.67 3.52 7.09
CA MET A 30 14.89 4.61 7.64
C MET A 30 13.81 5.04 6.63
N LEU A 31 14.17 5.20 5.34
CA LEU A 31 13.18 5.62 4.36
C LEU A 31 12.34 4.48 3.82
N ARG A 32 12.82 3.21 3.94
CA ARG A 32 12.00 2.04 3.56
C ARG A 32 10.79 2.03 4.50
N ILE A 33 11.02 2.31 5.80
CA ILE A 33 9.97 2.42 6.82
C ILE A 33 9.07 3.64 6.60
N ASP A 34 9.66 4.83 6.43
CA ASP A 34 8.90 6.08 6.32
C ASP A 34 8.15 6.31 5.03
N GLU A 35 8.75 5.96 3.89
CA GLU A 35 8.14 6.21 2.59
C GLU A 35 7.58 4.96 1.95
N GLY A 36 8.24 3.83 2.15
CA GLY A 36 7.83 2.56 1.56
C GLY A 36 8.67 2.21 0.35
N LEU A 37 8.78 0.91 0.09
CA LEU A 37 9.54 0.37 -1.03
C LEU A 37 8.61 -0.33 -2.02
N ARG A 38 8.61 0.14 -3.28
CA ARG A 38 7.80 -0.47 -4.33
C ARG A 38 8.75 -1.16 -5.33
N LEU A 39 8.55 -2.46 -5.58
CA LEU A 39 9.42 -3.19 -6.50
C LEU A 39 8.88 -3.23 -7.93
N LYS A 40 7.67 -2.67 -8.15
CA LYS A 40 7.05 -2.57 -9.49
C LYS A 40 6.81 -1.11 -9.87
N ILE A 41 7.03 -0.74 -11.17
CA ILE A 41 6.80 0.63 -11.70
C ILE A 41 5.39 1.09 -11.35
N TYR A 42 5.26 2.27 -10.73
CA TYR A 42 3.96 2.84 -10.37
C TYR A 42 3.87 4.32 -10.69
N LYS A 43 2.64 4.86 -10.69
CA LYS A 43 2.38 6.28 -10.90
C LYS A 43 2.26 6.95 -9.53
N ASP A 44 3.03 8.04 -9.33
CA ASP A 44 3.01 8.79 -8.07
C ASP A 44 1.85 9.80 -8.07
N THR A 45 1.71 10.59 -6.98
CA THR A 45 0.67 11.62 -6.84
C THR A 45 0.59 12.52 -8.08
N GLU A 46 1.73 13.15 -8.47
CA GLU A 46 1.85 14.03 -9.63
C GLU A 46 1.75 13.30 -11.01
N GLY A 47 1.43 12.00 -10.99
CA GLY A 47 1.25 11.17 -12.18
C GLY A 47 2.50 10.63 -12.85
N TYR A 48 3.67 10.81 -12.21
CA TYR A 48 4.96 10.35 -12.75
C TYR A 48 5.33 8.89 -12.39
N TYR A 49 6.06 8.26 -13.32
CA TYR A 49 6.53 6.88 -13.23
C TYR A 49 7.67 6.77 -12.22
N THR A 50 7.38 6.04 -11.14
CA THR A 50 8.21 5.85 -9.96
C THR A 50 8.43 4.36 -9.63
N ILE A 51 9.50 4.05 -8.87
CA ILE A 51 9.90 2.71 -8.43
C ILE A 51 10.83 2.84 -7.24
N GLY A 52 11.01 1.77 -6.48
CA GLY A 52 11.87 1.77 -5.30
C GLY A 52 11.29 2.67 -4.23
N ILE A 53 12.15 3.45 -3.57
CA ILE A 53 11.73 4.43 -2.55
C ILE A 53 11.66 5.82 -3.23
N GLY A 54 10.54 6.06 -3.90
CA GLY A 54 10.24 7.32 -4.57
C GLY A 54 11.19 7.73 -5.69
N HIS A 55 11.82 6.75 -6.35
CA HIS A 55 12.74 7.06 -7.43
C HIS A 55 12.00 7.39 -8.74
N LEU A 56 12.12 8.65 -9.21
CA LEU A 56 11.52 9.11 -10.45
C LEU A 56 12.29 8.55 -11.63
N LEU A 57 11.59 7.91 -12.55
CA LEU A 57 12.21 7.33 -13.73
C LEU A 57 12.23 8.29 -14.91
N THR A 58 11.12 9.04 -15.14
CA THR A 58 10.94 9.99 -16.25
C THR A 58 9.76 10.95 -15.99
N LYS A 59 9.74 12.08 -16.71
CA LYS A 59 8.66 13.08 -16.65
C LYS A 59 7.67 12.79 -17.79
N SER A 60 8.09 11.88 -18.70
CA SER A 60 7.35 11.40 -19.87
C SER A 60 6.10 10.61 -19.46
N PRO A 61 4.97 10.76 -20.18
CA PRO A 61 3.78 9.95 -19.82
C PRO A 61 3.84 8.53 -20.42
N SER A 62 4.92 8.24 -21.21
CA SER A 62 5.19 6.97 -21.87
C SER A 62 5.82 5.95 -20.91
N LEU A 63 5.11 4.80 -20.71
CA LEU A 63 5.59 3.70 -19.87
C LEU A 63 6.77 3.04 -20.56
N ASN A 64 6.74 2.99 -21.91
CA ASN A 64 7.83 2.49 -22.74
C ASN A 64 9.13 3.29 -22.42
N ALA A 65 9.02 4.63 -22.32
CA ALA A 65 10.14 5.53 -21.95
C ALA A 65 10.61 5.23 -20.52
N ALA A 66 9.66 5.03 -19.57
CA ALA A 66 9.94 4.73 -18.16
C ALA A 66 10.68 3.42 -17.98
N LYS A 67 10.24 2.38 -18.72
CA LYS A 67 10.85 1.05 -18.72
C LYS A 67 12.22 1.12 -19.35
N SER A 68 12.38 1.96 -20.39
CA SER A 68 13.65 2.20 -21.08
C SER A 68 14.66 2.83 -20.09
N GLU A 69 14.20 3.83 -19.30
CA GLU A 69 15.04 4.51 -18.32
C GLU A 69 15.48 3.53 -17.24
N LEU A 70 14.51 2.77 -16.68
CA LEU A 70 14.76 1.76 -15.65
C LEU A 70 15.72 0.68 -16.15
N ASP A 71 15.51 0.19 -17.38
CA ASP A 71 16.35 -0.84 -18.00
C ASP A 71 17.78 -0.35 -18.13
N LYS A 72 17.94 0.93 -18.58
CA LYS A 72 19.25 1.56 -18.74
C LYS A 72 19.94 1.72 -17.41
N ALA A 73 19.21 2.17 -16.38
CA ALA A 73 19.74 2.42 -15.04
C ALA A 73 20.16 1.11 -14.31
N ILE A 74 19.39 0.03 -14.50
CA ILE A 74 19.67 -1.26 -13.85
C ILE A 74 20.66 -2.10 -14.68
N GLY A 75 20.54 -2.10 -16.00
CA GLY A 75 21.44 -2.86 -16.85
C GLY A 75 20.90 -4.22 -17.25
N ARG A 76 19.57 -4.37 -17.19
CA ARG A 76 18.85 -5.57 -17.60
C ARG A 76 17.43 -5.24 -18.06
N ASN A 77 16.77 -6.20 -18.72
CA ASN A 77 15.38 -6.06 -19.14
C ASN A 77 14.57 -6.39 -17.91
N THR A 78 14.25 -5.35 -17.11
CA THR A 78 13.55 -5.46 -15.83
C THR A 78 12.05 -5.68 -16.03
N ASN A 79 11.52 -5.25 -17.18
CA ASN A 79 10.09 -5.24 -17.50
C ASN A 79 9.27 -4.47 -16.42
N GLY A 80 9.95 -3.58 -15.70
CA GLY A 80 9.34 -2.78 -14.65
C GLY A 80 9.30 -3.42 -13.27
N VAL A 81 10.03 -4.54 -13.08
CA VAL A 81 10.12 -5.25 -11.79
C VAL A 81 11.60 -5.41 -11.39
N ILE A 82 11.92 -5.00 -10.17
CA ILE A 82 13.29 -5.01 -9.67
C ILE A 82 13.41 -5.74 -8.34
N THR A 83 14.65 -5.98 -7.91
CA THR A 83 14.96 -6.58 -6.61
C THR A 83 15.15 -5.47 -5.60
N LYS A 84 15.15 -5.82 -4.31
CA LYS A 84 15.40 -4.86 -3.24
C LYS A 84 16.82 -4.24 -3.40
N ASP A 85 17.82 -5.03 -3.84
CA ASP A 85 19.21 -4.59 -4.07
C ASP A 85 19.30 -3.56 -5.20
N GLU A 86 18.47 -3.73 -6.25
CA GLU A 86 18.40 -2.80 -7.38
C GLU A 86 17.78 -1.48 -6.90
N ALA A 87 16.74 -1.59 -6.04
CA ALA A 87 16.06 -0.47 -5.41
C ALA A 87 17.05 0.34 -4.54
N GLU A 88 17.96 -0.36 -3.84
CA GLU A 88 19.02 0.23 -3.02
C GLU A 88 20.04 1.00 -3.86
N LYS A 89 20.43 0.44 -5.03
CA LYS A 89 21.36 1.07 -5.96
C LYS A 89 20.77 2.41 -6.35
N LEU A 90 19.46 2.42 -6.78
CA LEU A 90 18.75 3.64 -7.14
C LEU A 90 18.62 4.59 -5.97
N PHE A 91 18.34 4.05 -4.77
CA PHE A 91 18.19 4.86 -3.55
C PHE A 91 19.48 5.60 -3.19
N ASN A 92 20.65 4.93 -3.29
CA ASN A 92 21.93 5.58 -2.96
C ASN A 92 22.23 6.73 -3.94
N GLN A 93 21.78 6.62 -5.20
CA GLN A 93 21.95 7.69 -6.19
C GLN A 93 21.11 8.91 -5.77
N ASP A 94 19.86 8.68 -5.27
CA ASP A 94 18.96 9.75 -4.82
C ASP A 94 19.46 10.47 -3.57
N VAL A 95 20.09 9.72 -2.63
CA VAL A 95 20.67 10.27 -1.41
C VAL A 95 21.77 11.26 -1.82
N ASP A 96 22.70 10.81 -2.69
CA ASP A 96 23.81 11.60 -3.23
C ASP A 96 23.32 12.89 -3.89
N ALA A 97 22.28 12.80 -4.74
CA ALA A 97 21.66 13.95 -5.40
C ALA A 97 21.04 14.89 -4.36
N ALA A 98 20.30 14.35 -3.37
CA ALA A 98 19.71 15.15 -2.28
C ALA A 98 20.77 15.92 -1.50
N VAL A 99 21.87 15.22 -1.11
CA VAL A 99 22.99 15.79 -0.34
C VAL A 99 23.63 16.91 -1.16
N ARG A 100 23.87 16.68 -2.48
CA ARG A 100 24.43 17.71 -3.36
C ARG A 100 23.53 18.96 -3.36
N GLY A 101 22.21 18.76 -3.53
CA GLY A 101 21.23 19.84 -3.50
C GLY A 101 21.22 20.62 -2.18
N ILE A 102 21.26 19.88 -1.03
CA ILE A 102 21.34 20.45 0.32
C ILE A 102 22.57 21.37 0.42
N LEU A 103 23.72 20.90 -0.10
CA LEU A 103 25.00 21.63 -0.03
C LEU A 103 25.02 22.89 -0.91
N ARG A 104 24.19 22.94 -1.99
CA ARG A 104 24.09 24.13 -2.85
C ARG A 104 23.01 25.09 -2.30
N ASN A 105 22.37 24.74 -1.16
CA ASN A 105 21.33 25.56 -0.57
C ASN A 105 21.89 26.32 0.61
N ALA A 106 21.87 27.67 0.52
CA ALA A 106 22.36 28.63 1.51
C ALA A 106 21.62 28.54 2.84
N LYS A 107 20.35 28.09 2.80
CA LYS A 107 19.50 27.94 3.98
C LYS A 107 19.67 26.58 4.64
N LEU A 108 20.13 25.55 3.88
CA LEU A 108 20.27 24.19 4.40
C LEU A 108 21.71 23.74 4.71
N LYS A 109 22.71 24.20 3.90
CA LYS A 109 24.12 23.84 4.06
C LYS A 109 24.66 24.08 5.49
N PRO A 110 24.50 25.28 6.12
CA PRO A 110 25.05 25.46 7.49
C PRO A 110 24.54 24.44 8.50
N VAL A 111 23.22 24.18 8.50
CA VAL A 111 22.58 23.20 9.40
C VAL A 111 23.16 21.82 9.12
N TYR A 112 23.20 21.41 7.84
CA TYR A 112 23.72 20.10 7.42
C TYR A 112 25.15 19.87 7.88
N ASP A 113 26.05 20.83 7.62
CA ASP A 113 27.46 20.79 7.99
C ASP A 113 27.70 20.60 9.48
N SER A 114 26.87 21.27 10.31
CA SER A 114 26.95 21.27 11.77
C SER A 114 26.48 19.96 12.39
N LEU A 115 25.57 19.22 11.70
CA LEU A 115 24.95 17.97 12.20
C LEU A 115 25.81 16.73 12.12
N ASP A 116 25.62 15.82 13.12
CA ASP A 116 26.24 14.50 13.20
C ASP A 116 25.55 13.61 12.12
N ALA A 117 26.13 12.45 11.78
CA ALA A 117 25.62 11.49 10.78
C ALA A 117 24.16 11.11 10.95
N VAL A 118 23.73 10.80 12.17
CA VAL A 118 22.35 10.39 12.43
C VAL A 118 21.36 11.54 12.14
N ARG A 119 21.64 12.73 12.65
CA ARG A 119 20.75 13.88 12.43
C ARG A 119 20.76 14.35 10.98
N ARG A 120 21.89 14.16 10.23
CA ARG A 120 21.94 14.47 8.79
C ARG A 120 20.94 13.57 8.05
N ALA A 121 20.90 12.27 8.42
CA ALA A 121 19.95 11.30 7.85
C ALA A 121 18.50 11.77 8.07
N ALA A 122 18.17 12.33 9.28
CA ALA A 122 16.85 12.87 9.57
C ALA A 122 16.52 14.10 8.69
N LEU A 123 17.55 14.95 8.41
CA LEU A 123 17.40 16.12 7.52
C LEU A 123 17.17 15.66 6.05
N ILE A 124 17.96 14.66 5.57
CA ILE A 124 17.82 14.07 4.22
C ILE A 124 16.43 13.49 4.08
N ASN A 125 15.91 12.84 5.17
CA ASN A 125 14.55 12.29 5.24
C ASN A 125 13.52 13.41 4.95
N MET A 126 13.68 14.57 5.62
CA MET A 126 12.80 15.75 5.42
C MET A 126 12.80 16.26 3.97
N VAL A 127 14.01 16.37 3.35
CA VAL A 127 14.23 16.77 1.95
C VAL A 127 13.50 15.78 1.00
N PHE A 128 13.60 14.46 1.28
CA PHE A 128 12.93 13.42 0.49
C PHE A 128 11.39 13.62 0.49
N GLN A 129 10.82 13.98 1.64
CA GLN A 129 9.38 14.19 1.83
C GLN A 129 8.80 15.46 1.18
N MET A 130 9.38 16.63 1.44
CA MET A 130 8.84 17.91 1.02
C MET A 130 9.75 18.77 0.13
N GLY A 131 10.94 18.26 -0.19
CA GLY A 131 11.89 18.99 -1.02
C GLY A 131 12.59 20.09 -0.24
N GLU A 132 13.68 20.59 -0.82
CA GLU A 132 14.52 21.65 -0.25
C GLU A 132 13.74 22.88 0.21
N THR A 133 12.82 23.40 -0.64
CA THR A 133 12.01 24.59 -0.34
C THR A 133 11.08 24.39 0.86
N GLY A 134 10.52 23.18 0.94
CA GLY A 134 9.65 22.77 2.05
C GLY A 134 10.39 22.76 3.37
N VAL A 135 11.64 22.23 3.36
CA VAL A 135 12.52 22.13 4.53
C VAL A 135 13.04 23.51 4.95
N ALA A 136 13.49 24.33 3.98
CA ALA A 136 13.99 25.68 4.25
C ALA A 136 12.95 26.61 4.92
N GLY A 137 11.67 26.25 4.81
CA GLY A 137 10.56 26.98 5.42
C GLY A 137 10.52 26.89 6.93
N PHE A 138 11.24 25.88 7.50
CA PHE A 138 11.38 25.64 8.94
C PHE A 138 12.63 26.40 9.48
N THR A 139 12.70 27.71 9.22
CA THR A 139 13.82 28.59 9.59
C THR A 139 14.16 28.58 11.09
N ASN A 140 13.15 28.68 11.97
CA ASN A 140 13.38 28.73 13.44
C ASN A 140 13.88 27.40 13.98
N SER A 141 13.28 26.29 13.51
CA SER A 141 13.63 24.92 13.87
C SER A 141 15.05 24.57 13.36
N LEU A 142 15.36 24.88 12.08
CA LEU A 142 16.70 24.68 11.52
C LEU A 142 17.79 25.40 12.33
N ARG A 143 17.49 26.62 12.78
CA ARG A 143 18.40 27.45 13.60
C ARG A 143 18.67 26.77 14.93
N MET A 144 17.60 26.26 15.59
CA MET A 144 17.71 25.55 16.87
C MET A 144 18.56 24.29 16.74
N LEU A 145 18.43 23.58 15.60
CA LEU A 145 19.21 22.37 15.30
C LEU A 145 20.69 22.70 15.14
N GLN A 146 20.99 23.77 14.41
CA GLN A 146 22.36 24.27 14.19
C GLN A 146 23.00 24.65 15.52
N GLN A 147 22.18 25.16 16.46
CA GLN A 147 22.61 25.58 17.78
C GLN A 147 22.64 24.42 18.77
N LYS A 148 22.27 23.19 18.31
CA LYS A 148 22.24 21.97 19.11
C LYS A 148 21.25 22.09 20.27
N ARG A 149 20.15 22.84 20.08
CA ARG A 149 19.08 22.98 21.08
C ARG A 149 18.05 21.94 20.68
N TRP A 150 18.41 20.67 20.91
CA TRP A 150 17.63 19.50 20.50
C TRP A 150 16.21 19.48 21.06
N ALA A 151 16.05 19.77 22.36
CA ALA A 151 14.75 19.77 23.03
C ALA A 151 13.83 20.82 22.45
N GLU A 152 14.35 22.06 22.26
CA GLU A 152 13.60 23.20 21.72
C GLU A 152 13.20 22.96 20.28
N ALA A 153 14.12 22.39 19.47
CA ALA A 153 13.85 22.07 18.07
C ALA A 153 12.76 21.00 17.99
N ALA A 154 12.85 19.94 18.83
CA ALA A 154 11.88 18.85 18.86
C ALA A 154 10.45 19.32 19.15
N VAL A 155 10.26 20.20 20.15
CA VAL A 155 8.95 20.78 20.51
C VAL A 155 8.42 21.67 19.35
N ASN A 156 9.30 22.50 18.77
CA ASN A 156 8.98 23.44 17.70
C ASN A 156 8.55 22.75 16.39
N LEU A 157 9.27 21.69 15.98
CA LEU A 157 8.93 20.93 14.77
C LEU A 157 7.59 20.19 14.91
N ALA A 158 7.17 19.87 16.15
CA ALA A 158 5.91 19.17 16.44
C ALA A 158 4.64 20.06 16.29
N LYS A 159 4.83 21.39 16.21
CA LYS A 159 3.74 22.36 16.05
C LYS A 159 3.25 22.44 14.60
N SER A 160 4.15 22.14 13.65
CA SER A 160 3.93 22.20 12.21
C SER A 160 2.81 21.31 11.66
N ARG A 161 2.38 21.59 10.43
CA ARG A 161 1.38 20.82 9.69
C ARG A 161 1.98 19.46 9.35
N TRP A 162 3.32 19.43 9.11
CA TRP A 162 4.15 18.25 8.85
C TRP A 162 3.88 17.14 9.88
N TYR A 163 3.65 17.55 11.15
CA TYR A 163 3.33 16.69 12.29
C TYR A 163 1.92 16.10 12.22
N ASN A 164 0.96 16.82 11.61
CA ASN A 164 -0.42 16.35 11.50
C ASN A 164 -0.66 15.58 10.19
N GLN A 165 0.05 15.92 9.10
CA GLN A 165 -0.09 15.25 7.80
C GLN A 165 0.44 13.82 7.85
N THR A 166 1.63 13.62 8.48
CA THR A 166 2.26 12.31 8.63
C THR A 166 2.67 12.15 10.13
N PRO A 167 1.70 11.98 11.07
CA PRO A 167 2.07 11.91 12.50
C PRO A 167 3.10 10.84 12.90
N ASN A 168 3.01 9.63 12.32
CA ASN A 168 3.90 8.51 12.61
C ASN A 168 5.32 8.72 12.11
N ARG A 169 5.46 9.16 10.85
CA ARG A 169 6.74 9.46 10.22
C ARG A 169 7.43 10.63 10.91
N THR A 170 6.70 11.76 11.08
CA THR A 170 7.21 12.98 11.69
C THR A 170 7.70 12.74 13.12
N LYS A 171 6.94 12.00 13.95
CA LYS A 171 7.32 11.67 15.32
C LYS A 171 8.63 10.94 15.32
N ARG A 172 8.84 10.01 14.34
CA ARG A 172 10.08 9.25 14.20
C ARG A 172 11.27 10.14 13.85
N VAL A 173 11.08 11.05 12.86
CA VAL A 173 12.10 12.04 12.45
C VAL A 173 12.44 13.00 13.60
N ILE A 174 11.42 13.53 14.30
CA ILE A 174 11.62 14.46 15.44
C ILE A 174 12.43 13.75 16.54
N THR A 175 12.11 12.48 16.82
CA THR A 175 12.84 11.66 17.81
C THR A 175 14.30 11.51 17.41
N THR A 176 14.58 11.37 16.10
CA THR A 176 15.95 11.25 15.57
C THR A 176 16.73 12.53 15.87
N PHE A 177 16.10 13.69 15.64
CA PHE A 177 16.71 14.99 15.92
C PHE A 177 16.85 15.23 17.45
N ALA A 178 15.87 14.77 18.24
CA ALA A 178 15.86 14.92 19.69
C ALA A 178 16.97 14.14 20.39
N THR A 179 17.22 12.90 19.94
CA THR A 179 18.15 11.97 20.59
C THR A 179 19.48 11.75 19.90
N GLY A 180 19.49 11.88 18.57
CA GLY A 180 20.67 11.60 17.76
C GLY A 180 20.93 10.10 17.68
N THR A 181 19.89 9.29 17.93
CA THR A 181 19.95 7.82 17.88
C THR A 181 18.87 7.34 16.91
N TRP A 182 18.90 6.04 16.56
CA TRP A 182 17.95 5.37 15.67
C TRP A 182 16.81 4.74 16.47
N ASP A 183 16.72 5.05 17.77
CA ASP A 183 15.76 4.49 18.70
C ASP A 183 14.33 4.46 18.19
N ALA A 184 13.84 5.52 17.50
CA ALA A 184 12.46 5.51 16.95
C ALA A 184 12.24 4.33 15.97
N TYR A 185 13.21 4.10 15.09
CA TYR A 185 13.18 3.05 14.05
C TYR A 185 13.47 1.69 14.65
N LYS A 186 14.47 1.62 15.54
CA LYS A 186 14.80 0.36 16.23
C LYS A 186 13.64 -0.10 17.11
N ASN A 187 13.02 0.83 17.88
CA ASN A 187 11.91 0.45 18.76
C ASN A 187 10.64 0.07 18.00
N LEU A 188 10.38 0.68 16.84
CA LEU A 188 9.21 0.26 16.06
C LEU A 188 9.40 -1.18 15.57
N ARG A 189 10.60 -1.50 15.04
CA ARG A 189 10.95 -2.81 14.53
C ARG A 189 10.90 -3.88 15.61
N LYS A 190 11.30 -3.53 16.88
CA LYS A 190 11.25 -4.45 18.00
C LYS A 190 9.82 -4.84 18.28
N LYS A 191 8.96 -3.83 18.45
CA LYS A 191 7.54 -4.00 18.76
C LYS A 191 6.84 -4.86 17.67
N LEU A 192 7.13 -4.59 16.38
CA LEU A 192 6.56 -5.36 15.26
C LEU A 192 7.11 -6.79 15.16
N GLU A 193 8.42 -6.98 15.45
CA GLU A 193 9.03 -8.31 15.42
C GLU A 193 8.43 -9.18 16.56
N GLN A 194 8.25 -8.61 17.77
CA GLN A 194 7.66 -9.30 18.92
C GLN A 194 6.24 -9.71 18.62
N LEU A 195 5.46 -8.79 18.01
CA LEU A 195 4.09 -9.03 17.61
C LEU A 195 4.05 -10.15 16.54
N TYR A 196 4.97 -10.10 15.56
CA TYR A 196 5.09 -11.08 14.48
C TYR A 196 5.29 -12.53 15.01
N ASN A 197 6.16 -12.70 16.03
CA ASN A 197 6.53 -13.98 16.66
C ASN A 197 5.34 -14.74 17.20
N ARG A 198 4.28 -14.01 17.58
CA ARG A 198 3.02 -14.58 18.07
C ARG A 198 2.28 -15.29 16.92
N TYR A 199 2.49 -14.83 15.67
CA TYR A 199 1.78 -15.34 14.52
C TYR A 199 2.57 -16.19 13.56
N LYS A 200 3.92 -16.11 13.57
CA LYS A 200 4.72 -16.86 12.59
C LYS A 200 4.49 -18.37 12.65
N ASP A 201 4.64 -19.03 11.51
CA ASP A 201 4.46 -20.47 11.34
C ASP A 201 5.61 -21.19 12.02
N PRO A 202 5.36 -22.15 12.94
CA PRO A 202 6.48 -22.85 13.60
C PRO A 202 7.38 -23.62 12.61
N GLN A 203 6.79 -24.08 11.49
CA GLN A 203 7.45 -24.83 10.40
C GLN A 203 8.15 -23.91 9.36
N ASP A 204 7.83 -22.60 9.37
CA ASP A 204 8.39 -21.62 8.44
C ASP A 204 8.33 -20.23 9.08
N GLU A 205 9.45 -19.82 9.68
CA GLU A 205 9.65 -18.56 10.40
C GLU A 205 9.40 -17.29 9.55
N ASN A 206 9.51 -17.41 8.22
CA ASN A 206 9.36 -16.27 7.30
CA ASN A 206 9.37 -16.26 7.34
C ASN A 206 7.93 -16.04 6.84
N LYS A 207 6.98 -16.80 7.38
CA LYS A 207 5.59 -16.59 7.02
C LYS A 207 4.65 -16.83 8.19
N ILE A 208 3.44 -16.32 8.04
CA ILE A 208 2.35 -16.54 8.99
C ILE A 208 1.47 -17.63 8.34
N GLY A 209 1.35 -18.79 9.00
CA GLY A 209 0.55 -19.90 8.48
C GLY A 209 -0.93 -19.82 8.83
N ILE A 210 -1.66 -20.89 8.50
CA ILE A 210 -3.10 -21.05 8.77
C ILE A 210 -3.42 -20.66 10.22
N ASP A 211 -2.72 -21.27 11.19
CA ASP A 211 -2.86 -21.04 12.64
C ASP A 211 -2.59 -19.58 13.02
N GLY A 212 -1.54 -19.01 12.45
CA GLY A 212 -1.15 -17.62 12.71
C GLY A 212 -2.18 -16.63 12.24
N ILE A 213 -2.74 -16.86 11.03
CA ILE A 213 -3.78 -16.00 10.45
C ILE A 213 -5.03 -16.09 11.37
N GLN A 214 -5.38 -17.32 11.79
CA GLN A 214 -6.51 -17.55 12.68
C GLN A 214 -6.34 -16.82 14.01
N GLN A 215 -5.11 -16.88 14.59
CA GLN A 215 -4.75 -16.19 15.83
C GLN A 215 -4.86 -14.68 15.66
N PHE A 216 -4.35 -14.16 14.55
CA PHE A 216 -4.41 -12.74 14.20
C PHE A 216 -5.87 -12.28 14.19
N CYS A 217 -6.76 -13.06 13.52
CA CYS A 217 -8.20 -12.75 13.45
C CYS A 217 -8.90 -12.84 14.80
N ASP A 218 -8.52 -13.83 15.66
CA ASP A 218 -9.07 -13.98 17.01
C ASP A 218 -8.68 -12.75 17.86
N ASP A 219 -7.41 -12.31 17.76
CA ASP A 219 -6.91 -11.15 18.52
C ASP A 219 -7.67 -9.86 18.17
N LEU A 220 -8.08 -9.75 16.90
CA LEU A 220 -8.88 -8.64 16.37
C LEU A 220 -10.36 -8.83 16.66
N ALA A 221 -10.74 -9.98 17.27
CA ALA A 221 -12.12 -10.42 17.56
C ALA A 221 -12.96 -10.44 16.29
N LEU A 222 -12.38 -11.02 15.21
CA LEU A 222 -13.07 -11.13 13.92
C LEU A 222 -13.01 -12.53 13.40
N ASP A 223 -14.02 -12.94 12.64
CA ASP A 223 -14.01 -14.25 11.98
C ASP A 223 -13.14 -14.15 10.72
N PRO A 224 -12.26 -15.14 10.39
CA PRO A 224 -11.40 -14.99 9.19
C PRO A 224 -12.14 -14.92 7.84
N ALA A 225 -13.40 -15.38 7.77
CA ALA A 225 -14.22 -15.35 6.54
C ALA A 225 -15.03 -14.03 6.44
N SER A 226 -14.91 -13.12 7.44
CA SER A 226 -15.68 -11.87 7.47
C SER A 226 -15.17 -10.78 6.53
N ILE A 227 -16.09 -9.85 6.17
CA ILE A 227 -15.81 -8.70 5.30
C ILE A 227 -14.72 -7.79 5.92
N SER A 228 -14.72 -7.64 7.29
CA SER A 228 -13.73 -6.80 7.96
C SER A 228 -12.32 -7.30 7.71
N VAL A 229 -12.14 -8.63 7.73
CA VAL A 229 -10.84 -9.25 7.46
C VAL A 229 -10.46 -9.07 5.97
N LEU A 230 -11.45 -9.12 5.04
CA LEU A 230 -11.19 -8.89 3.60
C LEU A 230 -10.77 -7.42 3.39
N ILE A 231 -11.40 -6.48 4.13
CA ILE A 231 -11.06 -5.05 4.07
C ILE A 231 -9.60 -4.88 4.56
N ILE A 232 -9.20 -5.57 5.63
CA ILE A 232 -7.84 -5.51 6.17
C ILE A 232 -6.84 -6.02 5.12
N ALA A 233 -7.16 -7.15 4.45
CA ALA A 233 -6.31 -7.75 3.41
C ALA A 233 -6.06 -6.74 2.29
N TRP A 234 -7.13 -6.03 1.87
CA TRP A 234 -7.09 -4.96 0.89
C TRP A 234 -6.13 -3.87 1.34
N LYS A 235 -6.23 -3.43 2.60
CA LYS A 235 -5.36 -2.40 3.19
C LYS A 235 -3.90 -2.83 3.29
N PHE A 236 -3.66 -4.12 3.58
CA PHE A 236 -2.31 -4.70 3.66
C PHE A 236 -1.79 -5.05 2.26
N ARG A 237 -2.59 -4.83 1.19
CA ARG A 237 -2.25 -5.19 -0.20
C ARG A 237 -1.83 -6.67 -0.24
N ALA A 238 -2.49 -7.53 0.56
CA ALA A 238 -2.11 -8.96 0.63
C ALA A 238 -2.33 -9.65 -0.73
N ALA A 239 -1.37 -10.51 -1.15
CA ALA A 239 -1.40 -11.23 -2.42
C ALA A 239 -2.53 -12.27 -2.56
N THR A 240 -2.67 -13.18 -1.58
CA THR A 240 -3.55 -14.34 -1.71
C THR A 240 -4.18 -14.76 -0.41
N GLN A 241 -5.43 -15.22 -0.45
CA GLN A 241 -6.15 -15.72 0.72
C GLN A 241 -5.41 -16.92 1.32
N CYS A 242 -5.43 -17.03 2.68
CA CYS A 242 -4.79 -18.09 3.48
C CYS A 242 -3.27 -18.06 3.46
N GLU A 243 -2.70 -16.95 3.00
CA GLU A 243 -1.26 -16.74 2.94
C GLU A 243 -1.00 -15.34 3.48
N PHE A 244 0.10 -15.16 4.23
CA PHE A 244 0.44 -13.91 4.86
C PHE A 244 1.93 -13.93 5.14
N SER A 245 2.70 -13.23 4.31
CA SER A 245 4.17 -13.25 4.46
C SER A 245 4.61 -12.26 5.54
N LYS A 246 5.85 -12.42 6.04
CA LYS A 246 6.46 -11.51 7.01
C LYS A 246 6.51 -10.08 6.45
N GLN A 247 6.95 -9.91 5.18
CA GLN A 247 6.98 -8.62 4.47
C GLN A 247 5.61 -7.97 4.39
N GLU A 248 4.53 -8.77 4.12
CA GLU A 248 3.16 -8.22 4.09
C GLU A 248 2.76 -7.67 5.45
N PHE A 249 3.03 -8.43 6.53
CA PHE A 249 2.76 -8.02 7.92
C PHE A 249 3.51 -6.72 8.27
N MET A 250 4.83 -6.70 8.08
CA MET A 250 5.69 -5.56 8.45
C MET A 250 5.34 -4.30 7.69
N ASP A 251 5.25 -4.39 6.36
CA ASP A 251 4.94 -3.26 5.50
C ASP A 251 3.55 -2.76 5.71
N GLY A 252 2.59 -3.67 5.91
CA GLY A 252 1.19 -3.32 6.17
C GLY A 252 1.03 -2.55 7.48
N MET A 253 1.59 -3.09 8.58
CA MET A 253 1.49 -2.45 9.91
C MET A 253 2.13 -1.07 9.97
N THR A 254 3.30 -0.90 9.29
CA THR A 254 4.04 0.37 9.28
C THR A 254 3.30 1.44 8.44
N GLU A 255 2.83 1.06 7.23
CA GLU A 255 2.10 1.96 6.34
C GLU A 255 0.81 2.45 7.02
N LEU A 256 0.10 1.54 7.73
CA LEU A 256 -1.13 1.87 8.43
C LEU A 256 -0.89 2.61 9.76
N GLY A 257 0.38 2.72 10.16
CA GLY A 257 0.82 3.39 11.37
C GLY A 257 0.41 2.68 12.63
N CYS A 258 0.41 1.32 12.60
CA CYS A 258 -0.01 0.45 13.71
C CYS A 258 1.17 -0.36 14.23
N ASP A 259 1.31 -0.43 15.55
CA ASP A 259 2.38 -1.19 16.19
C ASP A 259 1.81 -2.21 17.19
N SER A 260 0.49 -2.48 17.09
CA SER A 260 -0.26 -3.41 17.93
C SER A 260 -1.58 -3.77 17.27
N ILE A 261 -2.21 -4.84 17.74
CA ILE A 261 -3.53 -5.30 17.30
C ILE A 261 -4.59 -4.24 17.64
N GLU A 262 -4.52 -3.63 18.84
CA GLU A 262 -5.45 -2.58 19.29
C GLU A 262 -5.45 -1.37 18.36
N LYS A 263 -4.27 -0.95 17.89
CA LYS A 263 -4.12 0.16 16.95
C LYS A 263 -4.74 -0.22 15.60
N LEU A 264 -4.55 -1.47 15.13
CA LEU A 264 -5.13 -1.95 13.86
C LEU A 264 -6.66 -2.01 13.96
N LYS A 265 -7.16 -2.52 15.11
CA LYS A 265 -8.58 -2.62 15.44
C LYS A 265 -9.24 -1.23 15.32
N ALA A 266 -8.61 -0.17 15.87
CA ALA A 266 -9.12 1.21 15.82
C ALA A 266 -9.14 1.85 14.43
N GLN A 267 -8.37 1.30 13.45
CA GLN A 267 -8.35 1.78 12.06
C GLN A 267 -9.49 1.25 11.22
N ILE A 268 -10.10 0.10 11.60
CA ILE A 268 -11.19 -0.56 10.87
C ILE A 268 -12.37 0.40 10.51
N PRO A 269 -12.98 1.18 11.45
CA PRO A 269 -14.04 2.11 11.02
C PRO A 269 -13.65 3.08 9.87
N LYS A 270 -12.40 3.56 9.84
CA LYS A 270 -11.88 4.49 8.82
C LYS A 270 -11.82 3.78 7.43
N MET A 271 -11.36 2.53 7.43
CA MET A 271 -11.28 1.67 6.23
C MET A 271 -12.71 1.48 5.68
N GLU A 272 -13.70 1.27 6.58
CA GLU A 272 -15.12 1.11 6.22
C GLU A 272 -15.70 2.36 5.53
N GLN A 273 -15.47 3.54 6.12
CA GLN A 273 -15.97 4.82 5.59
C GLN A 273 -15.46 5.06 4.15
N GLU A 274 -14.16 4.75 3.90
CA GLU A 274 -13.47 4.82 2.60
C GLU A 274 -14.27 4.11 1.52
N LEU A 275 -14.81 2.93 1.83
CA LEU A 275 -15.59 2.10 0.91
C LEU A 275 -16.96 2.69 0.54
N LYS A 276 -17.40 3.76 1.22
CA LYS A 276 -18.63 4.47 0.87
C LYS A 276 -18.35 5.32 -0.38
N GLU A 277 -17.07 5.64 -0.66
CA GLU A 277 -16.70 6.41 -1.86
C GLU A 277 -16.55 5.38 -2.99
N PRO A 278 -17.26 5.58 -4.15
CA PRO A 278 -17.23 4.57 -5.23
C PRO A 278 -15.87 4.20 -5.80
N GLY A 279 -14.95 5.17 -5.98
CA GLY A 279 -13.61 4.91 -6.49
C GLY A 279 -12.86 3.91 -5.60
N ARG A 280 -12.88 4.14 -4.26
CA ARG A 280 -12.27 3.22 -3.29
C ARG A 280 -12.98 1.87 -3.32
N PHE A 281 -14.33 1.86 -3.35
CA PHE A 281 -15.05 0.58 -3.40
C PHE A 281 -14.66 -0.27 -4.62
N LYS A 282 -14.56 0.38 -5.80
CA LYS A 282 -14.19 -0.25 -7.07
C LYS A 282 -12.79 -0.87 -6.94
N ASP A 283 -11.85 -0.13 -6.32
CA ASP A 283 -10.47 -0.59 -6.12
C ASP A 283 -10.50 -1.82 -5.21
N PHE A 284 -11.31 -1.79 -4.14
CA PHE A 284 -11.44 -2.91 -3.22
C PHE A 284 -12.09 -4.11 -3.91
N TYR A 285 -13.17 -3.87 -4.69
CA TYR A 285 -13.93 -4.92 -5.39
C TYR A 285 -13.02 -5.64 -6.39
N GLN A 286 -12.23 -4.87 -7.14
CA GLN A 286 -11.33 -5.49 -8.12
C GLN A 286 -10.17 -6.24 -7.43
N PHE A 287 -9.66 -5.72 -6.29
CA PHE A 287 -8.61 -6.35 -5.51
C PHE A 287 -9.06 -7.76 -5.03
N THR A 288 -10.35 -7.88 -4.61
CA THR A 288 -10.96 -9.12 -4.08
C THR A 288 -10.71 -10.29 -5.04
N PHE A 289 -10.95 -10.07 -6.36
CA PHE A 289 -10.72 -11.09 -7.38
C PHE A 289 -9.27 -11.63 -7.31
N ASN A 290 -8.27 -10.72 -7.36
CA ASN A 290 -6.84 -11.06 -7.29
C ASN A 290 -6.46 -11.81 -6.01
N PHE A 291 -7.00 -11.37 -4.87
CA PHE A 291 -6.77 -11.97 -3.55
C PHE A 291 -7.37 -13.38 -3.46
N ALA A 292 -8.61 -13.52 -3.96
CA ALA A 292 -9.37 -14.76 -3.91
C ALA A 292 -8.84 -15.90 -4.76
N LYS A 293 -8.32 -15.58 -5.96
N LYS A 293 -8.31 -15.58 -5.95
CA LYS A 293 -7.91 -16.63 -6.90
CA LYS A 293 -7.89 -16.61 -6.91
C LYS A 293 -6.67 -17.41 -6.44
C LYS A 293 -6.67 -17.41 -6.43
N ASN A 294 -6.51 -18.61 -6.98
CA ASN A 294 -5.40 -19.51 -6.68
C ASN A 294 -4.22 -18.97 -7.47
N PRO A 295 -3.02 -18.83 -6.84
CA PRO A 295 -1.84 -18.41 -7.61
C PRO A 295 -1.58 -19.42 -8.75
N GLY A 296 -1.19 -18.90 -9.91
CA GLY A 296 -0.92 -19.75 -11.08
C GLY A 296 -2.12 -19.93 -12.00
N GLN A 297 -3.30 -19.45 -11.55
CA GLN A 297 -4.57 -19.54 -12.29
C GLN A 297 -4.97 -18.11 -12.68
N LYS A 298 -5.46 -17.88 -13.92
CA LYS A 298 -5.85 -16.52 -14.32
C LYS A 298 -7.29 -16.21 -13.88
N GLY A 299 -8.11 -17.25 -13.76
CA GLY A 299 -9.51 -17.13 -13.40
C GLY A 299 -9.80 -17.49 -11.97
N LEU A 300 -11.05 -17.24 -11.54
CA LEU A 300 -11.51 -17.55 -10.20
C LEU A 300 -12.56 -18.65 -10.31
N ASP A 301 -12.35 -19.79 -9.61
CA ASP A 301 -13.29 -20.91 -9.58
C ASP A 301 -14.66 -20.40 -9.16
N LEU A 302 -15.73 -20.93 -9.79
CA LEU A 302 -17.10 -20.50 -9.57
C LEU A 302 -17.52 -20.44 -8.11
N GLU A 303 -17.37 -21.54 -7.36
CA GLU A 303 -17.76 -21.62 -5.95
C GLU A 303 -17.11 -20.51 -5.15
N MET A 304 -15.82 -20.22 -5.42
CA MET A 304 -15.09 -19.17 -4.70
C MET A 304 -15.57 -17.79 -5.10
N ALA A 305 -15.88 -17.59 -6.39
CA ALA A 305 -16.39 -16.32 -6.94
C ALA A 305 -17.72 -15.97 -6.26
N ILE A 306 -18.62 -16.96 -6.12
CA ILE A 306 -19.92 -16.78 -5.47
C ILE A 306 -19.76 -16.43 -3.96
N ALA A 307 -18.82 -17.12 -3.30
CA ALA A 307 -18.59 -16.87 -1.88
C ALA A 307 -18.06 -15.47 -1.62
N TYR A 308 -17.19 -14.97 -2.48
CA TYR A 308 -16.67 -13.61 -2.37
C TYR A 308 -17.69 -12.58 -2.84
N TRP A 309 -18.52 -12.90 -3.86
CA TRP A 309 -19.59 -11.99 -4.32
C TRP A 309 -20.61 -11.77 -3.21
N ASN A 310 -20.93 -12.82 -2.43
CA ASN A 310 -21.85 -12.72 -1.31
C ASN A 310 -21.29 -11.80 -0.22
N LEU A 311 -19.97 -11.73 -0.09
CA LEU A 311 -19.34 -10.80 0.84
C LEU A 311 -19.31 -9.36 0.33
N VAL A 312 -18.82 -9.12 -0.89
CA VAL A 312 -18.60 -7.76 -1.40
C VAL A 312 -19.81 -7.11 -2.09
N LEU A 313 -20.74 -7.88 -2.66
CA LEU A 313 -21.91 -7.31 -3.35
C LEU A 313 -23.18 -7.43 -2.51
N ASN A 314 -23.02 -7.85 -1.24
CA ASN A 314 -24.12 -7.90 -0.26
C ASN A 314 -24.68 -6.47 -0.14
N GLY A 315 -25.99 -6.31 -0.36
CA GLY A 315 -26.67 -5.01 -0.29
C GLY A 315 -26.30 -4.01 -1.39
N ARG A 316 -25.68 -4.49 -2.48
CA ARG A 316 -25.29 -3.63 -3.59
C ARG A 316 -25.84 -4.15 -4.90
N PHE A 317 -26.44 -5.35 -4.89
CA PHE A 317 -26.90 -6.00 -6.14
C PHE A 317 -28.19 -6.77 -5.87
N LYS A 318 -29.32 -6.25 -6.37
CA LYS A 318 -30.66 -6.84 -6.24
C LYS A 318 -30.70 -8.29 -6.73
N PHE A 319 -30.01 -8.59 -7.84
CA PHE A 319 -30.08 -9.89 -8.47
C PHE A 319 -28.98 -10.86 -8.07
N LEU A 320 -28.28 -10.59 -6.96
CA LEU A 320 -27.19 -11.43 -6.47
C LEU A 320 -27.52 -12.94 -6.38
N ASP A 321 -28.60 -13.32 -5.66
CA ASP A 321 -28.97 -14.74 -5.52
C ASP A 321 -29.40 -15.40 -6.84
N LEU A 322 -30.22 -14.67 -7.63
CA LEU A 322 -30.67 -15.16 -8.94
C LEU A 322 -29.41 -15.34 -9.87
N TRP A 323 -28.39 -14.47 -9.71
CA TRP A 323 -27.11 -14.56 -10.44
C TRP A 323 -26.33 -15.81 -10.01
N ASN A 324 -26.21 -16.04 -8.68
CA ASN A 324 -25.54 -17.23 -8.17
C ASN A 324 -26.25 -18.49 -8.71
N LYS A 325 -27.60 -18.50 -8.65
CA LYS A 325 -28.39 -19.64 -9.15
C LYS A 325 -28.15 -19.87 -10.65
N PHE A 326 -28.17 -18.77 -11.46
CA PHE A 326 -27.89 -18.82 -12.89
C PHE A 326 -26.53 -19.47 -13.20
N LEU A 327 -25.48 -19.09 -12.47
CA LEU A 327 -24.13 -19.60 -12.69
C LEU A 327 -23.95 -21.09 -12.28
N LEU A 328 -24.47 -21.46 -11.10
CA LEU A 328 -24.42 -22.82 -10.58
C LEU A 328 -25.15 -23.81 -11.47
N GLU A 329 -26.14 -23.32 -12.24
CA GLU A 329 -26.96 -24.15 -13.12
C GLU A 329 -26.65 -24.03 -14.60
N HIS A 330 -26.14 -22.88 -15.08
CA HIS A 330 -25.94 -22.72 -16.53
C HIS A 330 -24.51 -22.44 -16.96
N HIS A 331 -23.68 -21.84 -16.07
CA HIS A 331 -22.27 -21.57 -16.36
C HIS A 331 -21.37 -22.73 -15.95
N LYS A 332 -21.34 -23.04 -14.64
CA LYS A 332 -20.60 -24.15 -14.02
C LYS A 332 -19.08 -24.14 -14.30
N ARG A 333 -18.50 -22.96 -14.60
CA ARG A 333 -17.08 -22.80 -14.92
C ARG A 333 -16.50 -21.52 -14.27
N SER A 334 -15.15 -21.38 -14.30
CA SER A 334 -14.32 -20.26 -13.82
C SER A 334 -14.86 -18.90 -14.28
N ILE A 335 -14.58 -17.86 -13.51
CA ILE A 335 -15.03 -16.49 -13.81
C ILE A 335 -13.80 -15.69 -14.24
N PRO A 336 -13.78 -15.11 -15.47
CA PRO A 336 -12.61 -14.32 -15.89
C PRO A 336 -12.65 -12.94 -15.19
N LYS A 337 -11.47 -12.34 -15.00
CA LYS A 337 -11.26 -11.04 -14.33
C LYS A 337 -12.15 -9.93 -14.91
N ASP A 338 -12.25 -9.85 -16.24
CA ASP A 338 -13.04 -8.80 -16.91
C ASP A 338 -14.50 -8.94 -16.58
N THR A 339 -15.00 -10.18 -16.51
CA THR A 339 -16.40 -10.46 -16.13
C THR A 339 -16.63 -10.05 -14.69
N TRP A 340 -15.68 -10.38 -13.80
CA TRP A 340 -15.77 -10.00 -12.41
C TRP A 340 -15.87 -8.46 -12.35
N ASN A 341 -14.94 -7.72 -13.01
CA ASN A 341 -14.96 -6.25 -12.94
C ASN A 341 -16.25 -5.63 -13.46
N LEU A 342 -16.76 -6.15 -14.59
CA LEU A 342 -17.96 -5.64 -15.25
C LEU A 342 -19.23 -5.90 -14.46
N LEU A 343 -19.26 -6.96 -13.60
CA LEU A 343 -20.44 -7.21 -12.79
C LEU A 343 -20.78 -6.02 -11.87
N LEU A 344 -19.75 -5.30 -11.39
CA LEU A 344 -20.00 -4.15 -10.54
C LEU A 344 -20.76 -3.05 -11.34
N ASP A 345 -20.32 -2.78 -12.57
CA ASP A 345 -20.97 -1.79 -13.45
C ASP A 345 -22.38 -2.27 -13.75
N PHE A 346 -22.56 -3.60 -13.96
CA PHE A 346 -23.89 -4.15 -14.24
C PHE A 346 -24.83 -3.88 -13.07
N SER A 347 -24.39 -4.23 -11.84
CA SER A 347 -25.21 -4.07 -10.64
C SER A 347 -25.61 -2.64 -10.37
N THR A 348 -24.72 -1.69 -10.70
CA THR A 348 -25.01 -0.26 -10.49
C THR A 348 -26.10 0.24 -11.46
N MET A 349 -25.98 -0.05 -12.76
CA MET A 349 -26.93 0.51 -13.74
C MET A 349 -28.24 -0.25 -13.89
N ILE A 350 -28.27 -1.56 -13.59
CA ILE A 350 -29.45 -2.39 -13.89
C ILE A 350 -30.74 -1.98 -13.13
N ALA A 351 -31.82 -1.73 -13.90
CA ALA A 351 -33.14 -1.39 -13.34
C ALA A 351 -33.68 -2.66 -12.69
N ASP A 352 -34.57 -2.51 -11.68
CA ASP A 352 -35.17 -3.64 -11.00
C ASP A 352 -35.95 -4.58 -11.95
N ASP A 353 -36.47 -4.07 -13.09
CA ASP A 353 -37.18 -4.90 -14.05
C ASP A 353 -36.31 -5.26 -15.28
N MET A 354 -35.02 -4.84 -15.27
CA MET A 354 -34.04 -5.07 -16.34
C MET A 354 -34.41 -4.44 -17.70
N SER A 355 -35.39 -3.50 -17.72
CA SER A 355 -35.85 -2.86 -18.98
C SER A 355 -34.82 -1.94 -19.63
N ASN A 356 -33.84 -1.46 -18.86
CA ASN A 356 -32.81 -0.58 -19.41
C ASN A 356 -31.58 -1.36 -19.91
N TYR A 357 -31.62 -2.71 -19.88
CA TYR A 357 -30.48 -3.53 -20.35
C TYR A 357 -30.33 -3.49 -21.86
N ASP A 358 -29.16 -3.05 -22.32
CA ASP A 358 -28.81 -2.95 -23.73
C ASP A 358 -28.24 -4.32 -24.21
N GLU A 359 -29.13 -5.21 -24.69
CA GLU A 359 -28.77 -6.55 -25.20
C GLU A 359 -27.87 -6.47 -26.44
N GLU A 360 -27.97 -5.34 -27.18
CA GLU A 360 -27.18 -5.03 -28.37
C GLU A 360 -25.94 -4.21 -27.97
N GLY A 361 -25.58 -4.29 -26.69
CA GLY A 361 -24.44 -3.60 -26.11
C GLY A 361 -23.18 -4.44 -26.02
N ALA A 362 -22.25 -4.01 -25.15
CA ALA A 362 -20.94 -4.61 -25.01
C ALA A 362 -20.68 -5.39 -23.73
N TRP A 363 -21.73 -5.87 -23.04
CA TRP A 363 -21.55 -6.65 -21.81
C TRP A 363 -21.01 -8.05 -22.15
N PRO A 364 -20.28 -8.75 -21.24
CA PRO A 364 -19.88 -10.13 -21.53
C PRO A 364 -21.11 -10.98 -21.88
N VAL A 365 -20.93 -11.99 -22.77
CA VAL A 365 -21.98 -12.94 -23.20
C VAL A 365 -22.69 -13.52 -21.96
N LEU A 366 -21.91 -13.85 -20.92
CA LEU A 366 -22.42 -14.37 -19.64
C LEU A 366 -23.49 -13.47 -18.99
N ILE A 367 -23.27 -12.14 -19.05
CA ILE A 367 -24.26 -11.22 -18.47
C ILE A 367 -25.51 -11.13 -19.39
N ASP A 368 -25.31 -11.19 -20.73
CA ASP A 368 -26.43 -11.21 -21.70
C ASP A 368 -27.29 -12.45 -21.43
N ASP A 369 -26.64 -13.61 -21.21
CA ASP A 369 -27.32 -14.88 -20.92
C ASP A 369 -28.05 -14.80 -19.59
N PHE A 370 -27.44 -14.14 -18.58
CA PHE A 370 -28.11 -13.95 -17.28
C PHE A 370 -29.39 -13.14 -17.46
N VAL A 371 -29.32 -11.98 -18.15
CA VAL A 371 -30.51 -11.15 -18.40
C VAL A 371 -31.62 -11.96 -19.13
N GLU A 372 -31.25 -12.77 -20.16
CA GLU A 372 -32.19 -13.61 -20.90
C GLU A 372 -32.86 -14.63 -19.96
N PHE A 373 -32.08 -15.30 -19.08
CA PHE A 373 -32.54 -16.27 -18.07
C PHE A 373 -33.44 -15.64 -16.99
N ALA A 374 -33.07 -14.46 -16.50
CA ALA A 374 -33.73 -13.73 -15.43
C ALA A 374 -35.03 -13.01 -15.81
N ARG A 375 -35.07 -12.35 -17.00
CA ARG A 375 -36.22 -11.56 -17.49
C ARG A 375 -37.60 -12.27 -17.43
N PRO A 376 -37.78 -13.58 -17.81
CA PRO A 376 -39.11 -14.20 -17.70
C PRO A 376 -39.58 -14.32 -16.25
N GLN A 377 -38.62 -14.57 -15.33
CA GLN A 377 -38.83 -14.67 -13.88
C GLN A 377 -38.97 -13.28 -13.25
N ILE A 378 -39.13 -12.22 -14.10
CA ILE A 378 -39.26 -10.78 -13.75
C ILE A 378 -38.01 -10.29 -12.99
#